data_6I9N
#
_entry.id   6I9N
#
_cell.length_a   49.642
_cell.length_b   64.428
_cell.length_c   77.543
_cell.angle_alpha   90.00
_cell.angle_beta   90.00
_cell.angle_gamma   90.00
#
_symmetry.space_group_name_H-M   'P 21 21 21'
#
loop_
_entity.id
_entity.type
_entity.pdbx_description
1 polymer 'JmjC domain-containing protein 5'
2 non-polymer 'MANGANESE (II) ION'
3 non-polymer '(2S)-2-HYDROXYPENTANEDIOIC ACID'
4 non-polymer 2-AMINO-2-HYDROXYMETHYL-PROPANE-1,3-DIOL
5 non-polymer GLYCEROL
6 water water
#
_entity_poly.entity_id   1
_entity_poly.type   'polypeptide(L)'
_entity_poly.pdbx_seq_one_letter_code
;MHHHHHHSSGVDLGTENLYFQSTVPRLHRPSLQHFREQFLVPGRPVILKGVADHWPCMQKWSLEYIQEIAGCRTVPVEVG
SRYTDEEWSQTLMTVNEFISKYIVNEPRDVGYLAQHQLFDQIPELKQDISIPDYCSLGDGEEEEITINAWFGPQGTISPL
HQDPQQNFLVQVMGRKYIRLYSPQESGALYPHDTHLLHNTSQVDVENPDLEKFPKFAKAPFLSCILSPGEILFIPVKYWH
YVRALDLSFSVSFWWS
;
_entity_poly.pdbx_strand_id   A
#
# COMPACT_ATOMS: atom_id res chain seq x y z
N SER A 22 13.21 -12.19 8.19
CA SER A 22 14.15 -11.12 8.45
C SER A 22 13.48 -9.76 8.23
N THR A 23 14.26 -8.71 8.28
CA THR A 23 13.75 -7.36 8.13
C THR A 23 14.13 -6.84 6.75
N VAL A 24 13.25 -6.04 6.19
CA VAL A 24 13.48 -5.44 4.87
C VAL A 24 14.64 -4.47 4.98
N PRO A 25 15.65 -4.52 4.12
CA PRO A 25 16.77 -3.58 4.25
C PRO A 25 16.33 -2.15 3.93
N ARG A 26 16.94 -1.20 4.63
CA ARG A 26 16.75 0.23 4.40
C ARG A 26 18.00 0.83 3.77
N LEU A 27 17.85 1.48 2.62
CA LEU A 27 18.96 2.11 1.92
C LEU A 27 18.66 3.57 1.67
N HIS A 28 19.65 4.44 1.92
CA HIS A 28 19.51 5.86 1.66
C HIS A 28 19.84 6.15 0.20
N ARG A 29 18.85 6.62 -0.55
CA ARG A 29 19.04 7.11 -1.91
C ARG A 29 20.00 6.24 -2.74
N PRO A 30 19.72 4.96 -2.90
CA PRO A 30 20.65 4.15 -3.70
C PRO A 30 20.65 4.62 -5.14
N SER A 31 21.78 4.42 -5.82
CA SER A 31 21.83 4.80 -7.23
C SER A 31 20.81 4.00 -8.05
N LEU A 32 20.45 4.54 -9.22
CA LEU A 32 19.60 3.79 -10.14
C LEU A 32 20.18 2.41 -10.44
N GLN A 33 21.49 2.34 -10.73
CA GLN A 33 22.11 1.07 -11.07
C GLN A 33 22.08 0.09 -9.91
N HIS A 34 22.38 0.55 -8.70
CA HIS A 34 22.36 -0.33 -7.53
C HIS A 34 20.94 -0.87 -7.28
N PHE A 35 19.94 0.02 -7.34
CA PHE A 35 18.56 -0.44 -7.19
C PHE A 35 18.20 -1.45 -8.27
N ARG A 36 18.59 -1.17 -9.53
CA ARG A 36 18.25 -2.06 -10.62
C ARG A 36 18.86 -3.43 -10.39
N GLU A 37 20.16 -3.46 -10.10
CA GLU A 37 20.89 -4.73 -10.12
C GLU A 37 20.65 -5.55 -8.87
N GLN A 38 20.51 -4.92 -7.70
CA GLN A 38 20.38 -5.66 -6.46
CA GLN A 38 20.38 -5.66 -6.46
C GLN A 38 18.95 -5.84 -5.98
N PHE A 39 17.97 -5.15 -6.58
CA PHE A 39 16.58 -5.23 -6.09
C PHE A 39 15.57 -5.44 -7.21
N LEU A 40 15.58 -4.57 -8.23
CA LEU A 40 14.57 -4.67 -9.28
C LEU A 40 14.71 -5.95 -10.07
N VAL A 41 15.91 -6.23 -10.61
CA VAL A 41 16.07 -7.39 -11.47
C VAL A 41 15.88 -8.71 -10.69
N PRO A 42 16.50 -8.88 -9.53
CA PRO A 42 16.28 -10.12 -8.78
C PRO A 42 14.93 -10.19 -8.08
N GLY A 43 14.24 -9.06 -7.94
CA GLY A 43 12.92 -9.06 -7.31
C GLY A 43 12.99 -9.16 -5.79
N ARG A 44 13.80 -8.30 -5.17
CA ARG A 44 14.03 -8.31 -3.73
CA ARG A 44 14.03 -8.31 -3.73
C ARG A 44 13.48 -7.02 -3.12
N PRO A 45 12.71 -7.09 -2.04
CA PRO A 45 12.17 -5.86 -1.43
C PRO A 45 13.26 -5.01 -0.78
N VAL A 46 12.99 -3.72 -0.69
CA VAL A 46 13.88 -2.76 -0.03
C VAL A 46 13.04 -1.56 0.36
N ILE A 47 13.46 -0.87 1.42
CA ILE A 47 12.91 0.43 1.80
C ILE A 47 13.89 1.52 1.39
N LEU A 48 13.41 2.50 0.64
CA LEU A 48 14.20 3.63 0.18
C LEU A 48 13.98 4.80 1.12
N LYS A 49 15.07 5.28 1.70
CA LYS A 49 15.09 6.41 2.63
C LYS A 49 15.68 7.62 1.90
N GLY A 50 15.28 8.81 2.32
CA GLY A 50 15.85 10.02 1.75
C GLY A 50 15.35 10.37 0.38
N VAL A 51 14.28 9.73 -0.09
CA VAL A 51 13.74 9.91 -1.42
C VAL A 51 12.46 10.73 -1.39
N ALA A 52 11.46 10.27 -0.63
CA ALA A 52 10.17 10.94 -0.51
C ALA A 52 10.05 11.74 0.77
N ASP A 53 11.09 11.77 1.61
N ASP A 53 11.11 11.78 1.58
CA ASP A 53 10.95 12.33 2.95
CA ASP A 53 11.04 12.35 2.93
C ASP A 53 10.66 13.82 2.96
C ASP A 53 10.58 13.80 2.91
N HIS A 54 10.95 14.54 1.88
CA HIS A 54 10.66 15.97 1.80
C HIS A 54 9.66 16.31 0.72
N TRP A 55 8.92 15.32 0.20
CA TRP A 55 7.80 15.67 -0.66
C TRP A 55 6.82 16.54 0.14
N PRO A 56 6.15 17.49 -0.53
CA PRO A 56 5.24 18.38 0.22
C PRO A 56 4.20 17.66 1.05
N CYS A 57 3.70 16.51 0.55
CA CYS A 57 2.67 15.77 1.27
C CYS A 57 3.08 15.46 2.70
N MET A 58 4.38 15.28 2.94
CA MET A 58 4.83 14.83 4.24
C MET A 58 4.56 15.84 5.33
N GLN A 59 4.53 17.13 4.99
CA GLN A 59 4.18 18.14 5.99
C GLN A 59 2.79 18.71 5.80
N LYS A 60 2.28 18.71 4.57
CA LYS A 60 1.04 19.43 4.30
C LYS A 60 -0.21 18.62 4.62
N TRP A 61 -0.16 17.29 4.57
CA TRP A 61 -1.40 16.52 4.57
C TRP A 61 -1.90 16.23 5.99
N SER A 62 -2.31 17.27 6.68
CA SER A 62 -3.13 17.08 7.88
C SER A 62 -4.56 16.69 7.51
N LEU A 63 -5.31 16.18 8.50
CA LEU A 63 -6.74 15.93 8.27
C LEU A 63 -7.42 17.19 7.77
N GLU A 64 -7.08 18.33 8.34
CA GLU A 64 -7.74 19.57 7.95
C GLU A 64 -7.40 19.95 6.52
N TYR A 65 -6.16 19.73 6.09
CA TYR A 65 -5.81 20.02 4.71
CA TYR A 65 -5.79 20.01 4.71
C TYR A 65 -6.55 19.10 3.76
N ILE A 66 -6.63 17.80 4.09
CA ILE A 66 -7.39 16.85 3.28
C ILE A 66 -8.84 17.28 3.17
N GLN A 67 -9.44 17.71 4.29
CA GLN A 67 -10.82 18.20 4.25
C GLN A 67 -10.95 19.43 3.35
N GLU A 68 -10.00 20.36 3.45
CA GLU A 68 -10.09 21.58 2.66
C GLU A 68 -10.00 21.29 1.16
N ILE A 69 -9.07 20.42 0.74
CA ILE A 69 -8.83 20.21 -0.68
CA ILE A 69 -8.85 20.23 -0.69
C ILE A 69 -9.77 19.16 -1.28
N ALA A 70 -10.21 18.19 -0.49
CA ALA A 70 -10.91 17.01 -0.99
C ALA A 70 -12.25 16.72 -0.32
N GLY A 71 -12.63 17.48 0.71
CA GLY A 71 -13.73 17.07 1.57
C GLY A 71 -15.04 16.80 0.85
N CYS A 72 -15.35 17.59 -0.17
CA CYS A 72 -16.65 17.47 -0.85
CA CYS A 72 -16.64 17.48 -0.87
C CYS A 72 -16.66 16.44 -1.98
N ARG A 73 -15.52 15.81 -2.28
CA ARG A 73 -15.48 14.84 -3.37
C ARG A 73 -15.92 13.47 -2.90
N THR A 74 -16.50 12.70 -3.83
CA THR A 74 -16.99 11.35 -3.53
C THR A 74 -15.83 10.36 -3.67
N VAL A 75 -15.73 9.48 -2.69
CA VAL A 75 -14.72 8.42 -2.72
C VAL A 75 -15.33 7.07 -2.41
N PRO A 76 -14.73 5.99 -2.93
CA PRO A 76 -15.15 4.64 -2.56
C PRO A 76 -14.51 4.26 -1.25
N VAL A 77 -15.29 3.60 -0.40
CA VAL A 77 -14.87 3.23 0.94
C VAL A 77 -15.21 1.77 1.15
N GLU A 78 -14.21 0.99 1.54
CA GLU A 78 -14.42 -0.40 1.90
CA GLU A 78 -14.40 -0.41 1.91
C GLU A 78 -14.75 -0.48 3.39
N VAL A 79 -15.87 -1.12 3.73
CA VAL A 79 -16.35 -1.18 5.10
C VAL A 79 -16.33 -2.64 5.55
N GLY A 80 -15.76 -2.88 6.73
CA GLY A 80 -15.72 -4.21 7.33
C GLY A 80 -14.32 -4.77 7.41
N TRP A 88 -18.27 -7.51 4.70
CA TRP A 88 -17.50 -6.67 3.80
C TRP A 88 -18.41 -6.01 2.76
N SER A 89 -18.21 -4.72 2.52
CA SER A 89 -19.02 -4.03 1.53
C SER A 89 -18.26 -2.83 0.99
N GLN A 90 -18.67 -2.37 -0.19
CA GLN A 90 -18.10 -1.22 -0.86
C GLN A 90 -19.19 -0.15 -0.95
N THR A 91 -18.90 1.04 -0.44
CA THR A 91 -19.87 2.13 -0.49
C THR A 91 -19.20 3.40 -1.02
N LEU A 92 -19.99 4.48 -1.09
CA LEU A 92 -19.54 5.77 -1.58
C LEU A 92 -19.97 6.85 -0.60
N MET A 93 -19.08 7.81 -0.35
CA MET A 93 -19.42 8.93 0.52
C MET A 93 -18.43 10.04 0.23
N THR A 94 -18.69 11.24 0.75
CA THR A 94 -17.69 12.29 0.56
C THR A 94 -16.50 12.06 1.50
N VAL A 95 -15.38 12.68 1.16
CA VAL A 95 -14.21 12.60 2.04
C VAL A 95 -14.54 13.13 3.44
N ASN A 96 -15.32 14.21 3.51
CA ASN A 96 -15.72 14.75 4.82
C ASN A 96 -16.51 13.71 5.60
N GLU A 97 -17.42 13.01 4.92
CA GLU A 97 -18.20 11.96 5.59
C GLU A 97 -17.31 10.83 6.05
N PHE A 98 -16.35 10.42 5.21
CA PHE A 98 -15.44 9.35 5.58
C PHE A 98 -14.67 9.72 6.84
N ILE A 99 -14.15 10.95 6.88
CA ILE A 99 -13.39 11.37 8.05
C ILE A 99 -14.27 11.42 9.28
N SER A 100 -15.48 11.96 9.16
CA SER A 100 -16.37 12.07 10.31
CA SER A 100 -16.34 12.08 10.34
C SER A 100 -16.77 10.71 10.85
N LYS A 101 -17.13 9.78 9.96
CA LYS A 101 -17.71 8.49 10.38
C LYS A 101 -16.67 7.43 10.71
N TYR A 102 -15.49 7.46 10.07
CA TYR A 102 -14.55 6.35 10.18
C TYR A 102 -13.22 6.74 10.77
N ILE A 103 -12.95 8.02 11.01
CA ILE A 103 -11.66 8.45 11.53
C ILE A 103 -11.81 9.13 12.89
N VAL A 104 -12.48 10.28 12.92
CA VAL A 104 -12.49 11.07 14.15
C VAL A 104 -13.54 10.55 15.12
N ASN A 105 -13.51 11.05 16.35
CA ASN A 105 -14.44 10.61 17.39
C ASN A 105 -14.29 9.11 17.62
N GLU A 106 -15.32 8.30 17.35
CA GLU A 106 -15.31 6.89 17.79
C GLU A 106 -16.03 5.97 16.80
N PRO A 107 -15.37 5.55 15.74
CA PRO A 107 -16.07 4.83 14.68
C PRO A 107 -16.70 3.52 15.13
N ARG A 108 -17.85 3.21 14.52
CA ARG A 108 -18.50 1.95 14.85
CA ARG A 108 -18.55 1.95 14.79
C ARG A 108 -17.86 0.77 14.12
N ASP A 109 -17.39 0.97 12.89
CA ASP A 109 -16.80 -0.08 12.08
CA ASP A 109 -16.78 -0.08 12.10
C ASP A 109 -15.53 0.46 11.43
N VAL A 110 -14.75 -0.46 10.89
CA VAL A 110 -13.55 -0.12 10.13
C VAL A 110 -13.97 0.27 8.72
N GLY A 111 -13.53 1.45 8.29
CA GLY A 111 -13.69 1.88 6.92
C GLY A 111 -12.34 2.30 6.36
N TYR A 112 -12.17 2.05 5.07
CA TYR A 112 -10.87 2.25 4.42
C TYR A 112 -11.09 2.86 3.05
N LEU A 113 -10.55 4.06 2.83
CA LEU A 113 -10.51 4.66 1.50
C LEU A 113 -9.30 4.05 0.81
N ALA A 114 -9.54 2.91 0.17
CA ALA A 114 -8.50 2.03 -0.36
C ALA A 114 -8.48 2.00 -1.88
N GLN A 115 -7.28 1.94 -2.44
CA GLN A 115 -7.09 1.62 -3.86
C GLN A 115 -7.87 2.58 -4.75
N HIS A 116 -7.73 3.87 -4.49
CA HIS A 116 -8.48 4.89 -5.21
C HIS A 116 -7.55 5.89 -5.85
N GLN A 117 -7.79 6.19 -7.13
CA GLN A 117 -6.95 7.11 -7.90
C GLN A 117 -7.34 8.56 -7.60
N LEU A 118 -7.04 8.95 -6.35
CA LEU A 118 -7.44 10.25 -5.83
C LEU A 118 -6.74 11.40 -6.56
N PHE A 119 -5.56 11.13 -7.09
CA PHE A 119 -4.73 12.18 -7.70
C PHE A 119 -5.18 12.50 -9.10
N ASP A 120 -5.77 11.54 -9.79
CA ASP A 120 -6.43 11.86 -11.06
CA ASP A 120 -6.43 11.85 -11.06
C ASP A 120 -7.71 12.64 -10.80
N GLN A 121 -8.42 12.31 -9.72
CA GLN A 121 -9.66 12.98 -9.38
C GLN A 121 -9.42 14.40 -8.89
N ILE A 122 -8.34 14.60 -8.15
CA ILE A 122 -8.03 15.88 -7.53
C ILE A 122 -6.61 16.28 -7.92
N PRO A 123 -6.42 16.84 -9.12
CA PRO A 123 -5.04 17.13 -9.57
C PRO A 123 -4.26 18.07 -8.67
N GLU A 124 -4.91 18.95 -7.90
CA GLU A 124 -4.15 19.79 -7.00
C GLU A 124 -3.25 18.95 -6.09
N LEU A 125 -3.80 17.85 -5.56
CA LEU A 125 -3.03 16.97 -4.66
C LEU A 125 -1.82 16.37 -5.35
N LYS A 126 -1.88 16.17 -6.65
CA LYS A 126 -0.75 15.59 -7.35
CA LYS A 126 -0.76 15.60 -7.38
C LYS A 126 0.48 16.47 -7.25
N GLN A 127 0.32 17.77 -6.97
CA GLN A 127 1.46 18.67 -6.79
CA GLN A 127 1.46 18.67 -6.79
C GLN A 127 2.27 18.33 -5.54
N ASP A 128 1.72 17.53 -4.63
CA ASP A 128 2.35 17.25 -3.35
C ASP A 128 3.14 15.94 -3.36
N ILE A 129 3.18 15.24 -4.49
CA ILE A 129 3.90 13.99 -4.64
C ILE A 129 4.70 14.05 -5.94
N SER A 130 5.56 13.06 -6.15
CA SER A 130 6.34 12.92 -7.38
C SER A 130 6.35 11.46 -7.80
N ILE A 131 6.61 11.20 -9.07
CA ILE A 131 6.86 9.83 -9.48
CA ILE A 131 6.89 9.85 -9.56
C ILE A 131 8.33 9.50 -9.17
N PRO A 132 8.60 8.44 -8.42
CA PRO A 132 10.01 8.15 -8.09
C PRO A 132 10.86 7.97 -9.35
N ASP A 133 12.09 8.50 -9.30
CA ASP A 133 12.99 8.41 -10.44
C ASP A 133 13.25 6.95 -10.82
N TYR A 134 13.22 6.05 -9.84
CA TYR A 134 13.49 4.64 -10.11
C TYR A 134 12.50 4.03 -11.09
N CYS A 135 11.28 4.58 -11.20
CA CYS A 135 10.30 4.04 -12.14
C CYS A 135 10.81 4.09 -13.58
N SER A 136 11.72 5.00 -13.88
CA SER A 136 12.20 5.07 -15.26
C SER A 136 13.08 3.88 -15.64
N LEU A 137 13.43 3.01 -14.68
CA LEU A 137 14.12 1.77 -15.01
C LEU A 137 13.19 0.71 -15.58
N GLY A 138 11.88 0.95 -15.55
CA GLY A 138 10.93 -0.02 -16.05
C GLY A 138 10.80 0.05 -17.57
N ASP A 139 9.99 -0.86 -18.08
CA ASP A 139 9.68 -0.95 -19.50
CA ASP A 139 9.71 -0.90 -19.51
C ASP A 139 8.42 -0.17 -19.88
N GLY A 140 7.64 0.28 -18.91
CA GLY A 140 6.37 0.92 -19.18
C GLY A 140 6.50 2.42 -19.36
N GLU A 141 5.39 3.03 -19.78
CA GLU A 141 5.32 4.47 -19.96
C GLU A 141 4.89 5.13 -18.66
N GLU A 142 5.46 6.30 -18.38
CA GLU A 142 5.08 7.06 -17.19
C GLU A 142 3.57 7.33 -17.16
N GLU A 143 2.96 7.55 -18.34
CA GLU A 143 1.54 7.86 -18.44
C GLU A 143 0.68 6.77 -17.87
N GLU A 144 1.17 5.54 -17.86
CA GLU A 144 0.40 4.37 -17.47
C GLU A 144 0.64 3.96 -16.02
N ILE A 145 1.49 4.68 -15.27
CA ILE A 145 1.66 4.37 -13.85
C ILE A 145 0.36 4.67 -13.13
N THR A 146 -0.10 3.74 -12.31
CA THR A 146 -1.32 3.92 -11.54
C THR A 146 -0.96 4.38 -10.13
N ILE A 147 -1.47 5.53 -9.73
CA ILE A 147 -1.21 6.11 -8.41
C ILE A 147 -2.47 5.98 -7.58
N ASN A 148 -2.39 5.23 -6.48
CA ASN A 148 -3.55 5.02 -5.61
C ASN A 148 -3.31 5.58 -4.22
N ALA A 149 -4.36 6.11 -3.63
CA ALA A 149 -4.39 6.54 -2.24
C ALA A 149 -4.92 5.42 -1.38
N TRP A 150 -4.41 5.35 -0.16
CA TRP A 150 -4.81 4.39 0.88
C TRP A 150 -4.90 5.19 2.18
N PHE A 151 -6.12 5.55 2.59
CA PHE A 151 -6.32 6.48 3.70
C PHE A 151 -7.32 5.85 4.65
N GLY A 152 -6.93 5.67 5.91
CA GLY A 152 -7.84 5.02 6.83
C GLY A 152 -7.35 5.08 8.24
N PRO A 153 -8.22 4.65 9.17
CA PRO A 153 -7.86 4.63 10.58
C PRO A 153 -6.83 3.55 10.88
N GLN A 154 -6.31 3.63 12.11
CA GLN A 154 -5.61 2.50 12.70
C GLN A 154 -6.47 1.24 12.56
N GLY A 155 -5.83 0.12 12.24
CA GLY A 155 -6.48 -1.18 12.19
C GLY A 155 -6.97 -1.64 10.83
N THR A 156 -6.84 -0.83 9.78
CA THR A 156 -7.16 -1.35 8.45
C THR A 156 -6.21 -2.50 8.12
N ILE A 157 -6.73 -3.52 7.45
CA ILE A 157 -5.96 -4.69 7.04
C ILE A 157 -6.22 -4.94 5.56
N SER A 158 -5.14 -5.02 4.78
CA SER A 158 -5.19 -5.57 3.44
C SER A 158 -4.66 -6.99 3.51
N PRO A 159 -5.50 -8.01 3.31
CA PRO A 159 -5.05 -9.39 3.40
C PRO A 159 -3.97 -9.73 2.38
N LEU A 160 -3.26 -10.82 2.66
CA LEU A 160 -2.12 -11.23 1.85
C LEU A 160 -2.53 -11.44 0.40
N HIS A 161 -1.85 -10.76 -0.52
CA HIS A 161 -2.19 -10.82 -1.93
C HIS A 161 -0.98 -10.41 -2.74
N GLN A 162 -1.06 -10.61 -4.04
CA GLN A 162 0.00 -10.20 -4.96
C GLN A 162 -0.59 -9.40 -6.10
N ASP A 163 0.22 -8.53 -6.68
CA ASP A 163 -0.19 -7.65 -7.77
C ASP A 163 0.67 -7.91 -9.01
N PRO A 164 0.16 -7.56 -10.19
CA PRO A 164 0.84 -7.89 -11.46
C PRO A 164 1.84 -6.87 -11.93
N GLN A 165 2.20 -5.87 -11.13
CA GLN A 165 3.20 -4.88 -11.50
C GLN A 165 4.11 -4.63 -10.32
N GLN A 166 5.21 -3.92 -10.55
CA GLN A 166 6.04 -3.42 -9.47
C GLN A 166 5.26 -2.38 -8.67
N ASN A 167 5.71 -2.12 -7.44
CA ASN A 167 5.06 -1.12 -6.60
C ASN A 167 6.08 -0.36 -5.77
N PHE A 168 5.94 0.97 -5.72
CA PHE A 168 6.53 1.79 -4.66
C PHE A 168 5.39 2.27 -3.76
N LEU A 169 5.37 1.80 -2.51
CA LEU A 169 4.37 2.18 -1.53
C LEU A 169 5.01 3.24 -0.64
N VAL A 170 4.51 4.46 -0.71
CA VAL A 170 5.08 5.61 -0.01
C VAL A 170 4.22 5.90 1.21
N GLN A 171 4.82 5.92 2.38
CA GLN A 171 4.09 6.16 3.63
C GLN A 171 4.14 7.65 3.97
N VAL A 172 2.98 8.27 4.15
CA VAL A 172 2.87 9.70 4.36
C VAL A 172 2.49 10.04 5.79
N MET A 173 1.47 9.39 6.32
CA MET A 173 0.96 9.61 7.66
CA MET A 173 0.96 9.61 7.66
C MET A 173 0.87 8.25 8.35
N GLY A 174 1.32 8.19 9.60
CA GLY A 174 1.21 6.96 10.39
C GLY A 174 2.14 5.86 9.90
N ARG A 175 2.02 4.71 10.57
CA ARG A 175 2.88 3.56 10.34
C ARG A 175 2.06 2.35 9.94
N LYS A 176 2.68 1.46 9.16
CA LYS A 176 2.07 0.18 8.79
C LYS A 176 3.00 -0.97 9.05
N TYR A 177 2.45 -2.05 9.59
CA TYR A 177 3.13 -3.34 9.69
C TYR A 177 2.89 -4.09 8.38
N ILE A 178 3.98 -4.54 7.75
CA ILE A 178 3.90 -5.16 6.45
C ILE A 178 4.66 -6.47 6.48
N ARG A 179 4.01 -7.53 6.00
CA ARG A 179 4.61 -8.85 5.84
CA ARG A 179 4.67 -8.82 5.83
C ARG A 179 4.71 -9.18 4.35
N LEU A 180 5.85 -9.74 3.95
CA LEU A 180 6.18 -9.99 2.55
C LEU A 180 6.62 -11.43 2.36
N TYR A 181 6.00 -12.14 1.44
CA TYR A 181 6.36 -13.51 1.10
C TYR A 181 6.69 -13.58 -0.38
N SER A 182 7.81 -14.21 -0.71
CA SER A 182 8.26 -14.29 -2.08
CA SER A 182 8.22 -14.22 -2.10
C SER A 182 7.29 -15.11 -2.94
N PRO A 183 7.21 -14.83 -4.25
CA PRO A 183 6.42 -15.70 -5.14
C PRO A 183 6.84 -17.16 -5.07
N GLN A 184 8.08 -17.44 -4.69
CA GLN A 184 8.52 -18.83 -4.59
C GLN A 184 7.78 -19.57 -3.47
N GLU A 185 7.15 -18.86 -2.54
CA GLU A 185 6.43 -19.48 -1.44
C GLU A 185 4.94 -19.64 -1.71
N SER A 186 4.50 -19.40 -2.96
CA SER A 186 3.06 -19.37 -3.24
C SER A 186 2.34 -20.63 -2.77
N GLY A 187 2.97 -21.80 -2.91
CA GLY A 187 2.32 -23.04 -2.53
C GLY A 187 1.93 -23.11 -1.06
N ALA A 188 2.67 -22.42 -0.21
CA ALA A 188 2.43 -22.39 1.23
C ALA A 188 1.40 -21.34 1.65
N LEU A 189 0.88 -20.56 0.70
CA LEU A 189 -0.03 -19.46 0.99
C LEU A 189 -1.45 -19.75 0.53
N TYR A 190 -1.69 -20.89 -0.10
CA TYR A 190 -3.04 -21.39 -0.38
C TYR A 190 -3.89 -20.33 -1.07
N PRO A 191 -3.52 -19.95 -2.30
CA PRO A 191 -4.35 -18.97 -3.02
C PRO A 191 -5.76 -19.50 -3.21
N HIS A 192 -6.71 -18.56 -3.21
CA HIS A 192 -8.09 -18.90 -3.55
C HIS A 192 -8.15 -19.47 -4.96
N ASP A 193 -9.06 -20.43 -5.16
CA ASP A 193 -9.12 -21.22 -6.38
C ASP A 193 -9.89 -20.54 -7.52
N THR A 194 -10.64 -19.47 -7.25
CA THR A 194 -11.34 -18.76 -8.31
C THR A 194 -10.36 -17.82 -9.01
N HIS A 195 -10.47 -17.72 -10.34
CA HIS A 195 -9.61 -16.80 -11.10
CA HIS A 195 -9.53 -16.83 -11.03
C HIS A 195 -9.69 -15.39 -10.57
N LEU A 196 -10.87 -15.00 -10.09
CA LEU A 196 -11.06 -13.65 -9.57
C LEU A 196 -10.18 -13.40 -8.35
N LEU A 197 -10.16 -14.34 -7.41
CA LEU A 197 -9.41 -14.19 -6.16
C LEU A 197 -8.11 -14.98 -6.16
N HIS A 198 -7.65 -15.47 -7.32
CA HIS A 198 -6.46 -16.32 -7.34
CA HIS A 198 -6.47 -16.32 -7.34
C HIS A 198 -5.21 -15.57 -6.92
N ASN A 199 -5.25 -14.24 -6.88
CA ASN A 199 -4.15 -13.38 -6.44
CA ASN A 199 -4.07 -13.51 -6.42
C ASN A 199 -4.16 -13.12 -4.95
N THR A 200 -5.05 -13.77 -4.20
CA THR A 200 -5.24 -13.52 -2.77
C THR A 200 -5.11 -14.83 -2.01
N SER A 201 -4.43 -14.78 -0.87
CA SER A 201 -4.25 -15.95 -0.01
C SER A 201 -5.52 -16.24 0.79
N GLN A 202 -5.79 -17.54 1.04
CA GLN A 202 -6.84 -17.91 1.96
C GLN A 202 -6.46 -17.73 3.42
N VAL A 203 -5.19 -17.46 3.73
CA VAL A 203 -4.68 -17.46 5.10
C VAL A 203 -4.79 -16.06 5.69
N ASP A 204 -5.19 -15.99 6.97
CA ASP A 204 -5.11 -14.77 7.77
CA ASP A 204 -5.11 -14.77 7.77
C ASP A 204 -3.71 -14.73 8.37
N VAL A 205 -2.84 -13.87 7.84
CA VAL A 205 -1.43 -13.88 8.18
C VAL A 205 -1.19 -13.86 9.68
N GLU A 206 -1.89 -12.99 10.41
CA GLU A 206 -1.57 -12.80 11.82
C GLU A 206 -2.33 -13.73 12.75
N ASN A 207 -3.22 -14.57 12.23
CA ASN A 207 -3.89 -15.60 13.03
C ASN A 207 -4.20 -16.76 12.12
N PRO A 208 -3.18 -17.45 11.62
CA PRO A 208 -3.41 -18.45 10.57
C PRO A 208 -4.03 -19.71 11.17
N ASP A 209 -4.91 -20.33 10.38
CA ASP A 209 -5.51 -21.61 10.79
C ASP A 209 -4.54 -22.70 10.33
N LEU A 210 -3.69 -23.17 11.24
CA LEU A 210 -2.64 -24.11 10.86
C LEU A 210 -3.16 -25.54 10.75
N GLU A 211 -4.37 -25.80 11.24
CA GLU A 211 -4.99 -27.09 10.99
CA GLU A 211 -4.99 -27.09 10.99
C GLU A 211 -5.39 -27.21 9.53
N LYS A 212 -5.91 -26.13 8.95
CA LYS A 212 -6.33 -26.10 7.57
C LYS A 212 -5.18 -25.79 6.61
N PHE A 213 -4.22 -24.97 7.06
CA PHE A 213 -3.16 -24.41 6.20
C PHE A 213 -1.80 -24.67 6.82
N PRO A 214 -1.44 -25.93 7.05
CA PRO A 214 -0.24 -26.21 7.84
C PRO A 214 1.06 -25.74 7.18
N LYS A 215 1.13 -25.72 5.86
CA LYS A 215 2.35 -25.29 5.18
C LYS A 215 2.69 -23.83 5.44
N PHE A 216 1.72 -23.02 5.86
CA PHE A 216 1.97 -21.60 6.07
C PHE A 216 2.97 -21.37 7.19
N ALA A 217 2.99 -22.22 8.22
CA ALA A 217 3.76 -21.92 9.42
C ALA A 217 5.24 -21.81 9.13
N LYS A 218 5.75 -22.67 8.26
CA LYS A 218 7.18 -22.70 8.00
C LYS A 218 7.61 -21.80 6.85
N ALA A 219 6.68 -21.15 6.15
CA ALA A 219 7.08 -20.33 5.01
C ALA A 219 7.85 -19.11 5.48
N PRO A 220 9.06 -18.87 4.94
CA PRO A 220 9.84 -17.71 5.35
C PRO A 220 9.28 -16.42 4.77
N PHE A 221 9.60 -15.30 5.42
CA PHE A 221 9.05 -14.02 5.03
C PHE A 221 9.98 -12.91 5.50
N LEU A 222 9.72 -11.71 4.99
CA LEU A 222 10.29 -10.47 5.51
C LEU A 222 9.18 -9.65 6.14
N SER A 223 9.55 -8.73 7.03
CA SER A 223 8.56 -7.81 7.57
C SER A 223 9.23 -6.47 7.88
N CYS A 224 8.39 -5.46 8.08
CA CYS A 224 8.87 -4.14 8.45
C CYS A 224 7.71 -3.38 9.07
N ILE A 225 8.05 -2.31 9.77
CA ILE A 225 7.12 -1.24 10.09
C ILE A 225 7.54 -0.07 9.20
N LEU A 226 6.66 0.31 8.27
CA LEU A 226 6.93 1.39 7.33
C LEU A 226 6.43 2.69 7.95
N SER A 227 7.32 3.67 8.05
CA SER A 227 7.05 4.93 8.71
C SER A 227 7.00 6.09 7.73
N PRO A 228 6.47 7.25 8.17
CA PRO A 228 6.36 8.39 7.27
C PRO A 228 7.69 8.75 6.62
N GLY A 229 7.61 9.08 5.34
CA GLY A 229 8.75 9.46 4.54
C GLY A 229 9.50 8.32 3.91
N GLU A 230 9.16 7.07 4.22
CA GLU A 230 9.81 5.88 3.69
C GLU A 230 9.04 5.32 2.50
N ILE A 231 9.75 4.68 1.59
CA ILE A 231 9.17 4.02 0.43
C ILE A 231 9.48 2.53 0.50
N LEU A 232 8.46 1.69 0.41
CA LEU A 232 8.69 0.25 0.29
C LEU A 232 8.57 -0.17 -1.17
N PHE A 233 9.61 -0.79 -1.70
CA PHE A 233 9.57 -1.43 -3.00
C PHE A 233 9.03 -2.84 -2.82
N ILE A 234 7.87 -3.12 -3.43
CA ILE A 234 7.25 -4.44 -3.46
C ILE A 234 7.44 -5.00 -4.87
N PRO A 235 8.37 -5.94 -5.07
CA PRO A 235 8.59 -6.48 -6.42
C PRO A 235 7.30 -7.07 -7.00
N VAL A 236 7.18 -7.02 -8.32
CA VAL A 236 6.07 -7.63 -9.02
C VAL A 236 5.84 -9.05 -8.51
N LYS A 237 4.58 -9.34 -8.20
CA LYS A 237 4.08 -10.62 -7.73
CA LYS A 237 4.10 -10.64 -7.73
C LYS A 237 4.53 -11.00 -6.31
N TYR A 238 5.28 -10.14 -5.61
CA TYR A 238 5.58 -10.44 -4.21
C TYR A 238 4.30 -10.35 -3.38
N TRP A 239 4.07 -11.35 -2.54
CA TRP A 239 2.87 -11.36 -1.71
C TRP A 239 3.07 -10.39 -0.55
N HIS A 240 2.06 -9.55 -0.28
CA HIS A 240 2.16 -8.54 0.76
C HIS A 240 0.85 -8.47 1.54
N TYR A 241 1.01 -8.23 2.84
CA TYR A 241 -0.05 -8.08 3.84
C TYR A 241 0.25 -6.82 4.61
N VAL A 242 -0.78 -6.00 4.88
CA VAL A 242 -0.56 -4.67 5.43
C VAL A 242 -1.58 -4.35 6.50
N ARG A 243 -1.10 -3.94 7.69
CA ARG A 243 -1.99 -3.49 8.75
C ARG A 243 -1.57 -2.11 9.25
N ALA A 244 -2.51 -1.16 9.25
CA ALA A 244 -2.20 0.19 9.73
C ALA A 244 -2.12 0.19 11.26
N LEU A 245 -1.05 0.76 11.81
CA LEU A 245 -0.84 0.85 13.26
C LEU A 245 -1.33 2.14 13.85
N ASP A 246 -1.53 3.16 13.02
CA ASP A 246 -2.05 4.46 13.40
C ASP A 246 -2.97 4.92 12.28
N LEU A 247 -3.66 6.04 12.50
CA LEU A 247 -4.25 6.78 11.39
C LEU A 247 -3.20 6.90 10.30
N SER A 248 -3.56 6.51 9.07
CA SER A 248 -2.56 6.27 8.05
C SER A 248 -2.99 6.80 6.68
N PHE A 249 -2.00 7.29 5.94
CA PHE A 249 -2.17 7.66 4.54
C PHE A 249 -0.92 7.17 3.81
N SER A 250 -1.14 6.33 2.80
CA SER A 250 -0.09 5.85 1.91
C SER A 250 -0.47 6.16 0.47
N VAL A 251 0.56 6.23 -0.39
CA VAL A 251 0.38 6.44 -1.82
C VAL A 251 1.16 5.36 -2.53
N SER A 252 0.51 4.55 -3.35
CA SER A 252 1.18 3.52 -4.11
C SER A 252 1.33 3.93 -5.57
N PHE A 253 2.44 3.50 -6.16
CA PHE A 253 2.76 3.70 -7.56
C PHE A 253 2.95 2.32 -8.18
N TRP A 254 2.00 1.90 -9.01
CA TRP A 254 2.06 0.63 -9.72
C TRP A 254 2.65 0.89 -11.10
N TRP A 255 3.79 0.24 -11.38
CA TRP A 255 4.58 0.56 -12.55
C TRP A 255 5.23 -0.71 -13.09
N SER A 256 5.69 -0.62 -14.35
CA SER A 256 6.37 -1.73 -15.01
C SER A 256 7.57 -1.25 -15.79
#